data_1OZ7
#
_entry.id   1OZ7
#
_cell.length_a   37.966
_cell.length_b   95.258
_cell.length_c   42.611
_cell.angle_alpha   90.00
_cell.angle_beta   112.58
_cell.angle_gamma   90.00
#
_symmetry.space_group_name_H-M   'P 1 21 1'
#
loop_
_entity.id
_entity.type
_entity.pdbx_description
1 polymer 'echicetin A-chain'
2 polymer 'echicetin B-chain'
3 water water
#
loop_
_entity_poly.entity_id
_entity_poly.type
_entity_poly.pdbx_seq_one_letter_code
_entity_poly.pdbx_strand_id
1 'polypeptide(L)'
;MCPPGWSSNGVYCYMLFKEPKTWDEAEKFCNKQGKDGHLLSIESKKEEILVDIVVSENIGKMYKIWTGLSERSKEQHCSS
RWSDGSFFRSYEIAIRYSECFVLEKQSVFRTWVATPCENTFPFMCKYPVPR
;
A
2 'polypeptide(L)'
;NCLPDWSVYEGYCYKVFKERMNWADAEKFCTKQHKDGHLVSFRNSKEVDFVISLAFPMLKNDLVWIGLTDYWRDCNWEWS
DGAQLDYKAWDNERHCFIYKNTDNQWTRRDCTWTFSFVCKCPA
;
B
#
# COMPACT_ATOMS: atom_id res chain seq x y z
N MET A 1 25.35 6.68 25.37
CA MET A 1 26.66 5.96 25.41
C MET A 1 26.61 4.80 24.42
N CYS A 2 26.79 5.11 23.15
CA CYS A 2 26.76 4.10 22.12
C CYS A 2 28.17 3.75 21.64
N PRO A 3 28.36 2.53 21.13
CA PRO A 3 29.67 2.07 20.64
C PRO A 3 30.27 3.04 19.62
N PRO A 4 31.55 2.86 19.29
CA PRO A 4 32.19 3.74 18.32
C PRO A 4 31.57 3.58 16.94
N GLY A 5 31.32 4.70 16.26
CA GLY A 5 30.73 4.65 14.94
C GLY A 5 29.22 4.67 14.95
N TRP A 6 28.63 4.37 16.11
CA TRP A 6 27.18 4.37 16.25
C TRP A 6 26.70 5.72 16.73
N SER A 7 25.45 6.05 16.42
CA SER A 7 24.87 7.33 16.83
C SER A 7 23.74 7.13 17.81
N SER A 8 23.45 8.17 18.58
CA SER A 8 22.38 8.10 19.59
C SER A 8 21.21 9.06 19.37
N ASN A 9 20.02 8.58 19.71
CA ASN A 9 18.80 9.36 19.60
C ASN A 9 17.78 8.70 20.52
N GLY A 10 17.06 9.51 21.29
CA GLY A 10 16.08 8.96 22.20
C GLY A 10 16.67 7.76 22.93
N VAL A 11 17.84 7.96 23.55
CA VAL A 11 18.51 6.90 24.28
C VAL A 11 18.50 5.56 23.53
N TYR A 12 18.73 5.62 22.23
CA TYR A 12 18.79 4.43 21.38
C TYR A 12 20.04 4.59 20.54
N CYS A 13 20.65 3.48 20.14
CA CYS A 13 21.85 3.52 19.32
C CYS A 13 21.46 3.10 17.91
N TYR A 14 22.01 3.81 16.92
CA TYR A 14 21.70 3.54 15.52
C TYR A 14 22.92 3.55 14.63
N MET A 15 22.94 2.64 13.65
CA MET A 15 24.02 2.63 12.69
C MET A 15 23.54 2.16 11.33
N LEU A 16 23.97 2.89 10.31
CA LEU A 16 23.63 2.55 8.94
C LEU A 16 24.79 1.74 8.41
N PHE A 17 24.49 0.61 7.78
CA PHE A 17 25.52 -0.26 7.22
C PHE A 17 25.43 -0.29 5.71
N LYS A 18 26.54 0.09 5.07
CA LYS A 18 26.63 0.12 3.62
C LYS A 18 26.99 -1.27 3.09
N GLU A 19 26.19 -2.25 3.48
CA GLU A 19 26.40 -3.64 3.07
C GLU A 19 25.07 -4.23 2.61
N PRO A 20 24.83 -4.28 1.30
CA PRO A 20 23.59 -4.81 0.74
C PRO A 20 23.22 -6.22 1.19
N LYS A 21 22.01 -6.35 1.74
CA LYS A 21 21.51 -7.65 2.17
C LYS A 21 20.01 -7.72 1.99
N THR A 22 19.49 -8.92 2.24
CA THR A 22 18.09 -9.28 2.18
C THR A 22 17.47 -8.78 3.50
N TRP A 23 16.15 -8.54 3.53
CA TRP A 23 15.49 -8.08 4.78
C TRP A 23 15.94 -9.00 5.89
N ASP A 24 15.68 -10.30 5.69
CA ASP A 24 16.01 -11.36 6.64
C ASP A 24 17.44 -11.38 7.14
N GLU A 25 18.40 -11.27 6.24
CA GLU A 25 19.80 -11.31 6.62
C GLU A 25 20.25 -10.04 7.33
N ALA A 26 19.76 -8.89 6.89
CA ALA A 26 20.12 -7.64 7.52
C ALA A 26 19.54 -7.64 8.93
N GLU A 27 18.30 -8.10 9.05
CA GLU A 27 17.63 -8.16 10.34
C GLU A 27 18.46 -9.05 11.26
N LYS A 28 18.83 -10.21 10.74
CA LYS A 28 19.63 -11.16 11.50
C LYS A 28 20.95 -10.52 11.92
N PHE A 29 21.57 -9.83 10.98
CA PHE A 29 22.83 -9.15 11.22
C PHE A 29 22.72 -8.17 12.39
N CYS A 30 21.66 -7.37 12.42
CA CYS A 30 21.45 -6.38 13.47
C CYS A 30 21.24 -7.00 14.85
N ASN A 31 20.70 -8.21 14.88
CA ASN A 31 20.45 -8.86 16.16
C ASN A 31 21.72 -9.48 16.73
N LYS A 32 22.80 -9.44 15.94
CA LYS A 32 24.07 -10.01 16.38
C LYS A 32 25.02 -8.96 16.93
N GLN A 33 24.76 -7.69 16.62
CA GLN A 33 25.62 -6.59 17.06
C GLN A 33 25.45 -6.22 18.53
N GLY A 34 24.28 -6.52 19.08
CA GLY A 34 24.01 -6.21 20.48
C GLY A 34 22.69 -6.82 20.88
N LYS A 35 22.57 -7.22 22.14
CA LYS A 35 21.33 -7.85 22.59
C LYS A 35 20.12 -7.03 22.20
N ASP A 36 19.27 -7.65 21.37
CA ASP A 36 18.05 -7.03 20.89
C ASP A 36 18.22 -5.95 19.84
N GLY A 37 19.28 -6.04 19.05
CA GLY A 37 19.46 -5.09 17.97
C GLY A 37 18.47 -5.57 16.93
N HIS A 38 18.03 -4.68 16.05
CA HIS A 38 17.08 -5.06 15.00
C HIS A 38 17.16 -4.04 13.87
N LEU A 39 16.45 -4.33 12.78
CA LEU A 39 16.38 -3.39 11.69
C LEU A 39 15.67 -2.24 12.37
N LEU A 40 15.99 -1.01 11.99
CA LEU A 40 15.40 0.15 12.63
C LEU A 40 13.90 0.25 12.49
N SER A 41 13.25 0.58 13.61
CA SER A 41 11.81 0.83 13.61
C SER A 41 11.77 2.36 13.69
N ILE A 42 10.72 2.96 13.13
CA ILE A 42 10.59 4.41 13.12
C ILE A 42 9.30 4.77 13.81
N GLU A 43 9.41 5.41 14.97
CA GLU A 43 8.22 5.73 15.73
C GLU A 43 7.78 7.19 15.81
N SER A 44 8.49 8.10 15.13
CA SER A 44 8.10 9.49 15.13
C SER A 44 8.72 10.26 13.98
N LYS A 45 8.12 11.40 13.66
CA LYS A 45 8.61 12.24 12.57
C LYS A 45 10.03 12.66 12.91
N LYS A 46 10.27 12.90 14.19
CA LYS A 46 11.58 13.31 14.66
C LYS A 46 12.58 12.17 14.44
N GLU A 47 12.19 10.95 14.79
CA GLU A 47 13.09 9.82 14.60
C GLU A 47 13.30 9.58 13.09
N GLU A 48 12.20 9.57 12.35
CA GLU A 48 12.25 9.37 10.89
C GLU A 48 13.30 10.31 10.32
N ILE A 49 13.32 11.51 10.88
CA ILE A 49 14.26 12.53 10.46
C ILE A 49 15.69 12.22 10.91
N LEU A 50 15.86 11.68 12.11
CA LEU A 50 17.21 11.36 12.59
C LEU A 50 17.84 10.20 11.81
N VAL A 51 17.00 9.35 11.22
CA VAL A 51 17.48 8.22 10.44
C VAL A 51 17.88 8.56 8.99
N ASP A 52 17.03 9.30 8.29
CA ASP A 52 17.34 9.67 6.91
C ASP A 52 18.66 10.43 6.84
N ILE A 53 18.89 11.27 7.84
CA ILE A 53 20.10 12.07 7.92
C ILE A 53 21.30 11.21 8.26
N VAL A 54 21.08 10.11 9.00
CA VAL A 54 22.20 9.23 9.31
C VAL A 54 22.46 8.40 8.06
N VAL A 55 21.43 8.22 7.25
CA VAL A 55 21.57 7.47 6.01
C VAL A 55 22.33 8.36 5.04
N SER A 56 21.86 9.60 4.93
CA SER A 56 22.44 10.61 4.06
C SER A 56 23.93 10.86 4.21
N GLU A 57 24.47 10.60 5.40
CA GLU A 57 25.87 10.86 5.69
C GLU A 57 26.80 9.66 5.73
N ASN A 58 26.27 8.47 5.99
CA ASN A 58 27.11 7.29 6.11
C ASN A 58 26.97 6.23 5.03
N ILE A 59 25.92 6.33 4.23
CA ILE A 59 25.72 5.35 3.16
C ILE A 59 25.99 5.98 1.80
N GLY A 60 27.02 5.45 1.02
CA GLY A 60 27.39 5.90 -0.38
C GLY A 60 26.26 5.41 -1.31
N LYS A 61 25.62 6.15 -2.14
CA LYS A 61 24.21 6.21 -2.59
C LYS A 61 23.60 4.83 -2.89
N MET A 62 22.39 4.69 -2.76
CA MET A 62 21.59 3.51 -3.01
C MET A 62 20.13 4.01 -3.02
N TYR A 63 19.24 3.33 -3.73
CA TYR A 63 17.85 3.78 -3.85
C TYR A 63 16.93 3.40 -2.70
N LYS A 64 17.29 2.36 -1.96
CA LYS A 64 16.46 1.92 -0.85
C LYS A 64 17.31 1.49 0.34
N ILE A 65 16.74 1.62 1.53
CA ILE A 65 17.39 1.22 2.78
C ILE A 65 16.37 0.45 3.59
N TRP A 66 16.78 -0.70 4.10
CA TRP A 66 15.92 -1.55 4.91
C TRP A 66 15.61 -1.05 6.33
N THR A 67 14.32 -1.08 6.66
CA THR A 67 13.84 -0.72 7.99
C THR A 67 13.13 -2.01 8.44
N GLY A 68 12.82 -2.16 9.72
CA GLY A 68 12.21 -3.40 10.16
C GLY A 68 10.70 -3.55 10.05
N LEU A 69 10.10 -2.95 9.03
CA LEU A 69 8.66 -3.07 8.86
C LEU A 69 8.36 -4.30 8.03
N SER A 70 7.96 -5.37 8.70
CA SER A 70 7.66 -6.63 8.03
C SER A 70 6.20 -7.01 7.97
N GLU A 71 5.86 -7.72 6.90
CA GLU A 71 4.51 -8.18 6.66
C GLU A 71 4.25 -9.29 7.68
N ARG A 72 3.06 -9.31 8.27
CA ARG A 72 2.75 -10.31 9.28
C ARG A 72 2.22 -11.61 8.70
N SER A 73 1.97 -11.61 7.40
CA SER A 73 1.45 -12.78 6.72
C SER A 73 0.16 -13.25 7.39
N LYS A 74 -0.76 -12.32 7.58
CA LYS A 74 -2.05 -12.59 8.20
C LYS A 74 -3.16 -12.18 7.25
N GLU A 75 -2.85 -12.17 5.95
CA GLU A 75 -3.80 -11.77 4.92
C GLU A 75 -5.22 -12.31 5.11
N GLN A 76 -5.35 -13.60 5.38
CA GLN A 76 -6.68 -14.19 5.55
C GLN A 76 -7.45 -13.62 6.72
N HIS A 77 -6.78 -12.85 7.55
CA HIS A 77 -7.43 -12.25 8.71
C HIS A 77 -7.58 -10.74 8.50
N CYS A 78 -6.92 -10.24 7.46
CA CYS A 78 -6.93 -8.82 7.13
C CYS A 78 -7.61 -8.55 5.78
N SER A 79 -8.69 -9.27 5.51
CA SER A 79 -9.42 -9.14 4.25
C SER A 79 -10.00 -7.75 4.03
N SER A 80 -9.59 -7.10 2.95
CA SER A 80 -10.08 -5.76 2.63
C SER A 80 -11.54 -5.82 2.20
N ARG A 81 -12.21 -4.67 2.22
CA ARG A 81 -13.62 -4.62 1.85
C ARG A 81 -13.91 -3.59 0.76
N TRP A 82 -14.76 -3.97 -0.19
CA TRP A 82 -15.17 -3.03 -1.21
C TRP A 82 -16.08 -2.09 -0.44
N SER A 83 -16.49 -1.00 -1.07
CA SER A 83 -17.38 -0.05 -0.41
C SER A 83 -18.69 -0.75 -0.05
N ASP A 84 -18.57 -2.02 0.36
CA ASP A 84 -19.71 -2.87 0.72
C ASP A 84 -19.29 -4.33 1.02
N GLY A 85 -19.01 -5.10 -0.03
CA GLY A 85 -18.64 -6.50 0.14
C GLY A 85 -17.17 -6.83 0.43
N SER A 86 -16.87 -8.13 0.43
CA SER A 86 -15.52 -8.60 0.71
C SER A 86 -14.64 -8.75 -0.53
N PHE A 87 -13.35 -8.48 -0.33
CA PHE A 87 -12.37 -8.54 -1.40
C PHE A 87 -11.76 -9.92 -1.61
N PHE A 88 -12.47 -10.77 -2.36
CA PHE A 88 -12.00 -12.12 -2.67
C PHE A 88 -11.56 -12.20 -4.10
N ARG A 89 -12.51 -12.15 -5.01
CA ARG A 89 -12.15 -12.19 -6.41
C ARG A 89 -11.30 -10.94 -6.63
N SER A 90 -10.05 -11.16 -7.03
CA SER A 90 -9.13 -10.07 -7.27
C SER A 90 -8.42 -10.34 -8.59
N TYR A 91 -8.01 -9.30 -9.30
CA TYR A 91 -7.34 -9.51 -10.57
C TYR A 91 -6.28 -8.48 -10.92
N GLU A 92 -5.11 -8.63 -10.32
CA GLU A 92 -3.99 -7.73 -10.54
C GLU A 92 -2.78 -8.52 -11.00
N ILE A 93 -1.80 -7.82 -11.56
CA ILE A 93 -0.58 -8.45 -12.03
C ILE A 93 0.37 -8.47 -10.85
N ALA A 94 -0.05 -9.13 -9.78
CA ALA A 94 0.76 -9.23 -8.58
C ALA A 94 1.98 -10.10 -8.89
N ILE A 95 2.99 -9.47 -9.49
CA ILE A 95 4.24 -10.13 -9.85
C ILE A 95 4.71 -11.03 -8.71
N ARG A 96 5.78 -10.63 -8.05
CA ARG A 96 6.30 -11.40 -6.93
C ARG A 96 5.74 -10.74 -5.68
N TYR A 97 5.83 -11.42 -4.54
CA TYR A 97 5.31 -10.88 -3.29
C TYR A 97 6.28 -9.88 -2.68
N SER A 98 5.75 -8.78 -2.15
CA SER A 98 6.55 -7.75 -1.51
C SER A 98 6.09 -7.57 -0.05
N GLU A 99 6.65 -8.36 0.86
CA GLU A 99 6.28 -8.26 2.26
C GLU A 99 7.24 -7.43 3.07
N CYS A 100 7.91 -6.49 2.42
CA CYS A 100 8.86 -5.65 3.10
C CYS A 100 8.74 -4.19 2.71
N PHE A 101 9.27 -3.33 3.57
CA PHE A 101 9.26 -1.89 3.35
C PHE A 101 10.68 -1.40 3.56
N VAL A 102 11.05 -0.37 2.85
CA VAL A 102 12.38 0.21 2.99
C VAL A 102 12.22 1.71 2.82
N LEU A 103 13.31 2.45 2.99
CA LEU A 103 13.27 3.91 2.81
C LEU A 103 13.74 4.23 1.41
N GLU A 104 13.09 5.20 0.78
CA GLU A 104 13.44 5.59 -0.58
C GLU A 104 14.24 6.88 -0.67
N LYS A 105 15.35 6.83 -1.39
CA LYS A 105 16.21 7.98 -1.58
C LYS A 105 15.42 9.08 -2.29
N GLN A 106 14.45 8.68 -3.09
CA GLN A 106 13.63 9.63 -3.84
C GLN A 106 13.05 10.70 -2.94
N SER A 107 12.48 10.28 -1.81
CA SER A 107 11.90 11.20 -0.84
C SER A 107 12.85 11.37 0.32
N VAL A 108 14.11 11.63 0.00
CA VAL A 108 15.16 11.82 0.98
C VAL A 108 15.08 10.85 2.15
N PHE A 109 14.69 9.62 1.84
CA PHE A 109 14.60 8.56 2.84
C PHE A 109 13.58 8.79 3.95
N ARG A 110 12.62 9.68 3.74
CA ARG A 110 11.63 9.93 4.78
C ARG A 110 10.37 9.08 4.63
N THR A 111 10.06 8.65 3.42
CA THR A 111 8.85 7.87 3.21
C THR A 111 9.13 6.38 3.02
N TRP A 112 8.11 5.55 3.16
CA TRP A 112 8.28 4.11 3.00
C TRP A 112 7.70 3.64 1.67
N VAL A 113 8.25 2.55 1.15
CA VAL A 113 7.78 2.00 -0.12
C VAL A 113 7.81 0.49 -0.05
N ALA A 114 6.69 -0.14 -0.40
CA ALA A 114 6.61 -1.60 -0.39
C ALA A 114 7.60 -2.17 -1.40
N THR A 115 8.46 -3.06 -0.92
CA THR A 115 9.47 -3.67 -1.76
C THR A 115 9.69 -5.16 -1.51
N PRO A 116 10.30 -5.87 -2.48
CA PRO A 116 10.56 -7.30 -2.35
C PRO A 116 11.64 -7.56 -1.30
N CYS A 117 11.30 -8.37 -0.30
CA CYS A 117 12.24 -8.68 0.76
C CYS A 117 13.57 -9.23 0.29
N GLU A 118 13.52 -10.03 -0.77
CA GLU A 118 14.73 -10.66 -1.31
C GLU A 118 15.73 -9.68 -1.90
N ASN A 119 15.33 -8.43 -2.10
CA ASN A 119 16.25 -7.45 -2.66
C ASN A 119 17.36 -7.10 -1.68
N THR A 120 18.55 -6.87 -2.22
CA THR A 120 19.70 -6.52 -1.43
C THR A 120 19.85 -5.00 -1.35
N PHE A 121 19.73 -4.46 -0.15
CA PHE A 121 19.86 -3.01 0.06
C PHE A 121 20.56 -2.73 1.37
N PRO A 122 21.24 -1.58 1.47
CA PRO A 122 21.93 -1.25 2.72
C PRO A 122 20.88 -1.23 3.82
N PHE A 123 21.28 -1.04 5.06
CA PHE A 123 20.30 -1.03 6.14
C PHE A 123 20.72 -0.21 7.34
N MET A 124 19.79 -0.04 8.27
CA MET A 124 20.04 0.71 9.50
C MET A 124 19.67 -0.16 10.69
N CYS A 125 20.62 -0.33 11.61
CA CYS A 125 20.37 -1.14 12.78
C CYS A 125 20.00 -0.22 13.92
N LYS A 126 19.44 -0.81 14.96
CA LYS A 126 19.02 -0.04 16.13
C LYS A 126 18.90 -1.00 17.31
N TYR A 127 19.15 -0.48 18.50
CA TYR A 127 19.04 -1.26 19.73
C TYR A 127 19.18 -0.33 20.94
N PRO A 128 18.58 -0.71 22.07
CA PRO A 128 18.60 0.06 23.32
C PRO A 128 19.74 -0.38 24.24
N VAL A 129 20.60 0.56 24.62
CA VAL A 129 21.72 0.22 25.50
C VAL A 129 21.27 -0.51 26.78
N PRO A 130 20.10 -0.14 27.33
CA PRO A 130 19.59 -0.81 28.54
C PRO A 130 19.11 -2.23 28.26
N ARG A 131 19.60 -2.79 27.15
CA ARG A 131 19.25 -4.14 26.71
C ARG A 131 17.90 -4.13 26.01
N ASN B 1 -36.54 -3.58 -13.24
CA ASN B 1 -35.50 -4.05 -12.28
C ASN B 1 -34.51 -2.94 -11.94
N CYS B 2 -34.40 -1.95 -12.83
CA CYS B 2 -33.50 -0.82 -12.64
C CYS B 2 -34.13 0.44 -13.20
N LEU B 3 -33.64 1.60 -12.78
CA LEU B 3 -34.17 2.87 -13.27
C LEU B 3 -33.68 3.11 -14.69
N PRO B 4 -34.35 4.01 -15.42
CA PRO B 4 -33.96 4.32 -16.79
C PRO B 4 -32.47 4.65 -16.94
N ASP B 5 -31.84 4.05 -17.96
CA ASP B 5 -30.42 4.26 -18.25
C ASP B 5 -29.47 3.56 -17.29
N TRP B 6 -29.92 2.45 -16.73
CA TRP B 6 -29.12 1.64 -15.82
C TRP B 6 -29.27 0.20 -16.27
N SER B 7 -28.15 -0.46 -16.56
CA SER B 7 -28.18 -1.84 -17.02
C SER B 7 -28.41 -2.82 -15.88
N VAL B 8 -29.00 -3.97 -16.22
CA VAL B 8 -29.30 -5.00 -15.23
C VAL B 8 -28.42 -6.23 -15.41
N TYR B 9 -28.06 -6.85 -14.28
CA TYR B 9 -27.24 -8.05 -14.30
C TYR B 9 -27.13 -8.65 -12.89
N GLU B 10 -27.41 -9.95 -12.80
CA GLU B 10 -27.36 -10.67 -11.52
C GLU B 10 -27.90 -9.93 -10.31
N GLY B 11 -29.02 -9.24 -10.47
CA GLY B 11 -29.62 -8.51 -9.36
C GLY B 11 -28.96 -7.18 -9.02
N TYR B 12 -28.16 -6.65 -9.94
CA TYR B 12 -27.48 -5.39 -9.71
C TYR B 12 -27.74 -4.43 -10.86
N CYS B 13 -27.71 -3.13 -10.56
CA CYS B 13 -27.91 -2.12 -11.58
C CYS B 13 -26.58 -1.41 -11.82
N TYR B 14 -26.27 -1.15 -13.08
CA TYR B 14 -25.02 -0.48 -13.42
C TYR B 14 -25.24 0.67 -14.37
N LYS B 15 -24.61 1.80 -14.07
CA LYS B 15 -24.70 2.96 -14.92
C LYS B 15 -23.31 3.51 -15.10
N VAL B 16 -22.99 3.92 -16.33
CA VAL B 16 -21.68 4.47 -16.63
C VAL B 16 -21.76 5.98 -16.70
N PHE B 17 -20.69 6.63 -16.28
CA PHE B 17 -20.63 8.08 -16.30
C PHE B 17 -19.30 8.46 -16.95
N LYS B 18 -19.31 9.56 -17.69
CA LYS B 18 -18.09 10.01 -18.36
C LYS B 18 -17.29 11.05 -17.61
N GLU B 19 -17.71 11.39 -16.39
CA GLU B 19 -17.00 12.38 -15.59
C GLU B 19 -15.64 11.88 -15.16
N ARG B 20 -14.78 12.81 -14.77
CA ARG B 20 -13.43 12.52 -14.32
C ARG B 20 -13.27 12.99 -12.88
N MET B 21 -13.18 12.05 -11.96
CA MET B 21 -13.05 12.41 -10.55
C MET B 21 -11.98 11.59 -9.85
N ASN B 22 -11.55 12.04 -8.68
CA ASN B 22 -10.57 11.30 -7.91
C ASN B 22 -11.40 10.23 -7.22
N TRP B 23 -10.75 9.20 -6.71
CA TRP B 23 -11.46 8.12 -6.05
C TRP B 23 -12.55 8.65 -5.11
N ALA B 24 -12.14 9.38 -4.07
CA ALA B 24 -13.06 9.92 -3.08
C ALA B 24 -14.31 10.57 -3.64
N ASP B 25 -14.15 11.52 -4.55
CA ASP B 25 -15.30 12.17 -5.14
C ASP B 25 -16.16 11.20 -5.95
N ALA B 26 -15.51 10.26 -6.62
CA ALA B 26 -16.22 9.28 -7.44
C ALA B 26 -17.18 8.49 -6.57
N GLU B 27 -16.69 8.02 -5.42
CA GLU B 27 -17.51 7.26 -4.48
C GLU B 27 -18.70 8.12 -4.04
N LYS B 28 -18.41 9.35 -3.61
CA LYS B 28 -19.46 10.26 -3.17
C LYS B 28 -20.51 10.48 -4.27
N PHE B 29 -20.04 10.77 -5.48
CA PHE B 29 -20.94 11.00 -6.61
C PHE B 29 -21.83 9.78 -6.81
N CYS B 30 -21.24 8.60 -6.70
CA CYS B 30 -22.02 7.38 -6.85
C CYS B 30 -23.10 7.28 -5.79
N THR B 31 -22.72 7.42 -4.52
CA THR B 31 -23.68 7.33 -3.43
C THR B 31 -24.84 8.28 -3.67
N LYS B 32 -24.58 9.36 -4.40
CA LYS B 32 -25.60 10.36 -4.68
C LYS B 32 -26.58 10.00 -5.81
N GLN B 33 -26.13 9.16 -6.74
CA GLN B 33 -26.98 8.78 -7.87
C GLN B 33 -28.23 7.99 -7.51
N HIS B 34 -28.11 7.10 -6.54
CA HIS B 34 -29.23 6.24 -6.16
C HIS B 34 -28.93 5.62 -4.80
N LYS B 35 -29.96 5.16 -4.09
CA LYS B 35 -29.73 4.55 -2.80
C LYS B 35 -28.84 3.32 -2.94
N ASP B 36 -27.99 3.08 -1.95
CA ASP B 36 -27.10 1.94 -1.95
C ASP B 36 -26.13 1.86 -3.14
N GLY B 37 -26.00 2.96 -3.87
CA GLY B 37 -25.08 2.97 -5.00
C GLY B 37 -23.67 3.26 -4.53
N HIS B 38 -22.68 2.64 -5.16
CA HIS B 38 -21.27 2.82 -4.82
C HIS B 38 -20.44 2.61 -6.07
N LEU B 39 -19.14 2.88 -6.00
CA LEU B 39 -18.26 2.65 -7.14
C LEU B 39 -18.42 1.17 -7.39
N VAL B 40 -18.42 0.75 -8.64
CA VAL B 40 -18.59 -0.66 -8.93
C VAL B 40 -17.59 -1.56 -8.20
N SER B 41 -18.06 -2.73 -7.79
CA SER B 41 -17.22 -3.71 -7.12
C SER B 41 -17.28 -4.96 -7.99
N PHE B 42 -16.19 -5.73 -8.04
CA PHE B 42 -16.18 -6.94 -8.84
C PHE B 42 -15.87 -8.20 -8.04
N ARG B 43 -16.72 -9.20 -8.19
CA ARG B 43 -16.55 -10.46 -7.49
C ARG B 43 -16.49 -11.61 -8.51
N ASN B 44 -16.59 -11.20 -9.78
CA ASN B 44 -16.55 -12.10 -10.93
C ASN B 44 -17.81 -12.91 -11.19
N SER B 45 -18.97 -12.31 -10.94
CA SER B 45 -20.23 -12.97 -11.25
C SER B 45 -20.26 -12.68 -12.76
N LYS B 46 -19.05 -12.59 -13.31
CA LYS B 46 -18.80 -12.27 -14.71
C LYS B 46 -19.28 -10.86 -14.97
N GLU B 47 -19.17 -10.04 -13.93
CA GLU B 47 -19.57 -8.64 -14.01
C GLU B 47 -18.57 -7.93 -14.90
N VAL B 48 -17.31 -8.32 -14.76
CA VAL B 48 -16.24 -7.71 -15.54
C VAL B 48 -16.66 -7.65 -17.00
N ASP B 49 -16.74 -8.81 -17.63
CA ASP B 49 -17.15 -8.90 -19.03
C ASP B 49 -18.36 -8.00 -19.25
N PHE B 50 -19.44 -8.25 -18.52
CA PHE B 50 -20.63 -7.44 -18.67
C PHE B 50 -20.32 -5.95 -18.54
N VAL B 51 -19.83 -5.56 -17.37
CA VAL B 51 -19.51 -4.17 -17.11
C VAL B 51 -18.68 -3.58 -18.23
N ILE B 52 -17.67 -4.30 -18.68
CA ILE B 52 -16.82 -3.79 -19.76
C ILE B 52 -17.40 -3.99 -21.15
N SER B 53 -18.23 -5.02 -21.32
CA SER B 53 -18.82 -5.31 -22.63
C SER B 53 -20.18 -4.68 -22.88
N LEU B 54 -20.91 -4.36 -21.81
CA LEU B 54 -22.23 -3.74 -21.94
C LEU B 54 -22.33 -2.45 -21.14
N ALA B 55 -21.88 -2.50 -19.89
CA ALA B 55 -21.91 -1.32 -19.03
C ALA B 55 -20.62 -0.53 -19.23
N PHE B 56 -20.09 -0.58 -20.44
CA PHE B 56 -18.86 0.13 -20.79
C PHE B 56 -18.92 0.70 -22.21
N PRO B 57 -19.54 -0.04 -23.15
CA PRO B 57 -19.63 0.48 -24.52
C PRO B 57 -20.31 1.83 -24.51
N MET B 58 -20.96 2.13 -23.39
CA MET B 58 -21.65 3.41 -23.21
C MET B 58 -20.65 4.32 -22.53
N LEU B 59 -19.38 3.96 -22.63
CA LEU B 59 -18.29 4.71 -22.01
C LEU B 59 -17.04 4.74 -22.88
N LYS B 60 -16.17 5.70 -22.57
CA LYS B 60 -14.90 5.91 -23.25
C LYS B 60 -14.05 4.64 -23.25
N ASN B 61 -14.52 3.61 -22.59
CA ASN B 61 -13.72 2.36 -22.53
C ASN B 61 -12.18 2.54 -22.45
N ASP B 62 -11.68 2.81 -21.18
CA ASP B 62 -10.25 2.95 -20.79
C ASP B 62 -9.78 2.08 -19.50
N LEU B 63 -9.80 2.84 -18.45
CA LEU B 63 -9.74 3.26 -17.07
C LEU B 63 -10.89 3.76 -16.21
N VAL B 64 -11.58 2.84 -15.53
CA VAL B 64 -12.71 3.16 -14.66
C VAL B 64 -12.29 2.90 -13.21
N TRP B 65 -12.78 3.70 -12.28
CA TRP B 65 -12.46 3.50 -10.88
C TRP B 65 -13.13 2.23 -10.37
N ILE B 66 -12.47 1.59 -9.43
CA ILE B 66 -12.99 0.38 -8.82
C ILE B 66 -13.18 0.80 -7.36
N GLY B 67 -14.29 0.40 -6.75
CA GLY B 67 -14.57 0.77 -5.38
C GLY B 67 -13.77 0.07 -4.29
N LEU B 68 -12.45 0.11 -4.41
CA LEU B 68 -11.60 -0.53 -3.42
C LEU B 68 -10.28 0.23 -3.20
N THR B 69 -10.11 0.79 -2.00
CA THR B 69 -8.88 1.49 -1.65
C THR B 69 -8.19 0.65 -0.58
N ASP B 70 -7.25 -0.16 -1.04
CA ASP B 70 -6.49 -1.07 -0.21
C ASP B 70 -5.35 -0.36 0.54
N TYR B 71 -5.70 0.59 1.40
CA TYR B 71 -4.72 1.36 2.16
C TYR B 71 -3.98 0.47 3.16
N TRP B 72 -2.68 0.72 3.32
CA TRP B 72 -1.88 -0.07 4.25
C TRP B 72 -2.54 -0.06 5.61
N ARG B 73 -2.52 -1.21 6.28
CA ARG B 73 -3.13 -1.32 7.60
C ARG B 73 -2.21 -2.02 8.60
N ASP B 74 -2.50 -1.80 9.89
CA ASP B 74 -1.72 -2.37 10.99
C ASP B 74 -1.96 -3.87 11.08
N CYS B 75 -3.12 -4.30 10.58
CA CYS B 75 -3.51 -5.71 10.61
C CYS B 75 -2.51 -6.66 9.98
N ASN B 76 -1.73 -6.20 9.02
CA ASN B 76 -0.80 -7.09 8.35
C ASN B 76 0.66 -6.66 8.31
N TRP B 77 1.02 -5.59 9.01
CA TRP B 77 2.41 -5.16 9.01
C TRP B 77 2.86 -4.79 10.42
N GLU B 78 4.13 -5.06 10.73
CA GLU B 78 4.65 -4.74 12.06
C GLU B 78 6.17 -4.63 12.08
N TRP B 79 6.68 -4.02 13.15
CA TRP B 79 8.11 -3.83 13.34
C TRP B 79 8.73 -5.14 13.83
N SER B 80 9.96 -5.39 13.40
CA SER B 80 10.64 -6.60 13.81
C SER B 80 10.98 -6.51 15.29
N ASP B 81 11.05 -5.31 15.83
CA ASP B 81 11.38 -5.15 17.25
C ASP B 81 10.13 -5.11 18.13
N GLY B 82 9.00 -5.56 17.55
CA GLY B 82 7.75 -5.60 18.28
C GLY B 82 7.17 -4.27 18.73
N ALA B 83 7.77 -3.16 18.33
CA ALA B 83 7.26 -1.84 18.71
C ALA B 83 5.97 -1.60 17.96
N GLN B 84 5.01 -0.93 18.60
CA GLN B 84 3.73 -0.66 17.97
C GLN B 84 3.88 0.26 16.76
N LEU B 85 3.01 0.05 15.77
CA LEU B 85 3.04 0.82 14.53
C LEU B 85 2.15 2.05 14.58
N ASP B 86 2.54 3.02 15.39
CA ASP B 86 1.78 4.26 15.52
C ASP B 86 2.10 5.12 14.31
N TYR B 87 3.12 5.95 14.43
CA TYR B 87 3.54 6.79 13.33
C TYR B 87 3.82 5.94 12.08
N LYS B 88 3.28 6.36 10.94
CA LYS B 88 3.49 5.65 9.69
C LYS B 88 3.81 6.68 8.60
N ALA B 89 4.68 6.32 7.68
CA ALA B 89 5.07 7.24 6.62
C ALA B 89 4.92 6.62 5.23
N TRP B 90 4.01 5.66 5.12
CA TRP B 90 3.74 5.01 3.84
C TRP B 90 2.73 5.87 3.10
N ASP B 91 2.68 5.74 1.78
CA ASP B 91 1.74 6.53 1.00
C ASP B 91 0.33 5.97 1.08
N ASN B 92 -0.61 6.84 1.43
CA ASN B 92 -2.02 6.47 1.56
C ASN B 92 -2.77 6.69 0.24
N GLU B 93 -2.35 7.69 -0.52
CA GLU B 93 -2.98 7.98 -1.80
C GLU B 93 -2.73 6.88 -2.82
N ARG B 94 -1.66 6.13 -2.61
CA ARG B 94 -1.37 5.03 -3.51
C ARG B 94 -2.30 3.92 -3.09
N HIS B 95 -2.69 3.07 -4.05
CA HIS B 95 -3.56 1.92 -3.80
C HIS B 95 -5.03 1.97 -4.15
N CYS B 96 -5.49 3.01 -4.82
CA CYS B 96 -6.88 2.97 -5.20
C CYS B 96 -6.96 2.02 -6.38
N PHE B 97 -7.91 1.09 -6.32
CA PHE B 97 -8.08 0.12 -7.38
C PHE B 97 -8.61 0.75 -8.66
N ILE B 98 -8.24 0.13 -9.77
CA ILE B 98 -8.66 0.61 -11.07
C ILE B 98 -8.65 -0.50 -12.10
N TYR B 99 -9.53 -0.36 -13.09
CA TYR B 99 -9.61 -1.34 -14.14
C TYR B 99 -9.10 -0.69 -15.41
N LYS B 100 -8.07 -1.29 -15.99
CA LYS B 100 -7.52 -0.77 -17.24
C LYS B 100 -8.09 -1.67 -18.33
N ASN B 101 -8.97 -1.12 -19.16
CA ASN B 101 -9.57 -1.91 -20.22
C ASN B 101 -8.51 -2.47 -21.19
N THR B 102 -7.51 -1.67 -21.52
CA THR B 102 -6.46 -2.13 -22.44
C THR B 102 -5.63 -3.28 -21.93
N ASP B 103 -5.51 -3.42 -20.61
CA ASP B 103 -4.72 -4.48 -20.00
C ASP B 103 -5.62 -5.60 -19.53
N ASN B 104 -6.93 -5.35 -19.62
CA ASN B 104 -7.93 -6.30 -19.18
C ASN B 104 -7.55 -6.91 -17.86
N GLN B 105 -7.39 -6.05 -16.86
CA GLN B 105 -7.03 -6.46 -15.52
C GLN B 105 -7.06 -5.22 -14.62
N TRP B 106 -7.03 -5.43 -13.31
CA TRP B 106 -7.05 -4.32 -12.37
C TRP B 106 -5.65 -3.74 -12.18
N THR B 107 -5.56 -2.63 -11.45
CA THR B 107 -4.29 -1.96 -11.16
C THR B 107 -4.45 -1.00 -9.99
N ARG B 108 -3.36 -0.73 -9.30
CA ARG B 108 -3.37 0.19 -8.17
C ARG B 108 -2.77 1.50 -8.65
N ARG B 109 -3.40 2.61 -8.31
CA ARG B 109 -2.90 3.90 -8.74
C ARG B 109 -3.26 4.99 -7.77
N ASP B 110 -2.57 6.12 -7.88
CA ASP B 110 -2.81 7.26 -7.03
C ASP B 110 -4.28 7.61 -6.93
N CYS B 111 -4.78 7.60 -5.70
CA CYS B 111 -6.18 7.92 -5.41
C CYS B 111 -6.51 9.36 -5.78
N THR B 112 -5.48 10.18 -5.91
CA THR B 112 -5.63 11.60 -6.20
C THR B 112 -5.86 11.93 -7.66
N TRP B 113 -5.60 10.99 -8.55
CA TRP B 113 -5.82 11.29 -9.96
C TRP B 113 -7.28 11.10 -10.36
N THR B 114 -7.58 11.38 -11.62
CA THR B 114 -8.95 11.32 -12.11
C THR B 114 -9.27 10.17 -13.06
N PHE B 115 -10.48 9.64 -12.94
CA PHE B 115 -10.91 8.55 -13.81
C PHE B 115 -12.40 8.45 -13.98
N SER B 116 -12.82 7.75 -15.02
CA SER B 116 -14.23 7.56 -15.30
C SER B 116 -14.76 6.67 -14.19
N PHE B 117 -16.07 6.44 -14.18
CA PHE B 117 -16.63 5.58 -13.16
C PHE B 117 -17.92 4.88 -13.52
N VAL B 118 -18.12 3.76 -12.83
CA VAL B 118 -19.28 2.94 -13.01
C VAL B 118 -19.85 2.72 -11.62
N CYS B 119 -21.03 3.27 -11.36
CA CYS B 119 -21.65 3.11 -10.07
C CYS B 119 -22.47 1.81 -10.09
N LYS B 120 -22.71 1.23 -8.93
CA LYS B 120 -23.45 -0.01 -8.83
C LYS B 120 -24.23 -0.14 -7.51
N CYS B 121 -25.49 -0.55 -7.62
CA CYS B 121 -26.34 -0.76 -6.45
C CYS B 121 -27.24 -1.97 -6.68
N PRO B 122 -27.32 -2.87 -5.68
CA PRO B 122 -28.15 -4.08 -5.79
C PRO B 122 -29.63 -3.73 -5.80
N ALA B 123 -30.36 -4.25 -6.79
CA ALA B 123 -31.79 -3.98 -6.91
C ALA B 123 -32.56 -4.48 -5.69
#